data_1S7S
#
_entry.id   1S7S
#
_cell.length_a   88.262
_cell.length_b   135.555
_cell.length_c   45.130
_cell.angle_alpha   90.00
_cell.angle_beta   90.00
_cell.angle_gamma   90.00
#
_symmetry.space_group_name_H-M   'P 21 21 2'
#
loop_
_entity.id
_entity.type
_entity.pdbx_description
1 polymer 'H-2 class I histocompatibility antigen, K-B alpha chain'
2 polymer Beta-2-microglobulin
3 polymer 'Glycoprotein 9-residue peptide'
4 water water
#
loop_
_entity_poly.entity_id
_entity_poly.type
_entity_poly.pdbx_seq_one_letter_code
_entity_poly.pdbx_strand_id
1 'polypeptide(L)'
;GPHSLRYFVTAVSRPGLGEPRYMEVGYVDDTEFVRFDSDAENPRYEPRARWMEQEGPEYWERETQKAKGNEQSFRVDLRT
LLGYYNQSKGGSHTIQVISGCEVGSDGRLLRGYQQYAYDGCDYIALNEDLKTWTAADMAALITKHKWEQAGEAERLRAYL
EGTCVEWLRRYLKNGNATLLRTDSPKAHVTHHSRPEDKVTLRCWALGFYPADITLTWQLNGEELIQDMELVETRPAGDGT
FQKWASVVVPLGKEQYYTCHVYHQGLPEPLTLRWEPPPSTVSNMATVAVLVVLGAAIVTGAVVAFVMKMRRRNTGGKGGD
YALAPGSQTSDLSLPDCKVMVHDPHSLA
;
A
2 'polypeptide(L)'
;IQKTPQIQVYSRHPPENGKPNILNCYVTQFHPPHIEIQMLKNGKKIPKVEMSDMSFSKDWSFYILAHTEFTPTETDTYAC
RVKHDSMAEPKTVYWDRDM
;
B
3 'polypeptide(L)' KALYNFATM C
#
# COMPACT_ATOMS: atom_id res chain seq x y z
N GLY A 1 1.54 13.15 -17.33
CA GLY A 1 2.85 12.79 -16.68
C GLY A 1 3.12 11.29 -16.67
N PRO A 2 4.09 10.81 -15.88
CA PRO A 2 4.51 9.39 -15.90
C PRO A 2 3.59 8.42 -15.16
N HIS A 3 3.63 7.16 -15.56
CA HIS A 3 2.87 6.11 -14.93
C HIS A 3 3.70 4.86 -14.62
N SER A 4 3.21 4.04 -13.70
CA SER A 4 3.92 2.84 -13.22
C SER A 4 2.99 1.59 -13.18
N LEU A 5 3.57 0.42 -13.44
CA LEU A 5 2.94 -0.87 -13.27
C LEU A 5 3.82 -1.53 -12.20
N ARG A 6 3.24 -1.96 -11.08
CA ARG A 6 4.01 -2.51 -9.97
C ARG A 6 3.26 -3.71 -9.42
N TYR A 7 3.97 -4.80 -9.18
CA TYR A 7 3.41 -5.99 -8.54
C TYR A 7 4.16 -6.12 -7.22
N PHE A 8 3.41 -6.27 -6.16
CA PHE A 8 3.91 -6.61 -4.84
C PHE A 8 3.58 -8.07 -4.62
N VAL A 9 4.62 -8.86 -4.43
CA VAL A 9 4.44 -10.28 -4.25
C VAL A 9 5.08 -10.75 -2.96
N THR A 10 4.34 -11.61 -2.27
CA THR A 10 4.74 -12.12 -0.97
C THR A 10 4.54 -13.62 -0.92
N ALA A 11 5.53 -14.34 -0.41
CA ALA A 11 5.37 -15.76 -0.08
C ALA A 11 5.79 -15.96 1.37
N VAL A 12 4.91 -16.60 2.13
CA VAL A 12 5.08 -16.74 3.56
C VAL A 12 4.86 -18.15 3.99
N SER A 13 5.90 -18.80 4.52
CA SER A 13 5.80 -20.14 5.03
C SER A 13 5.08 -20.20 6.38
N ARG A 14 4.58 -21.38 6.70
CA ARG A 14 3.84 -21.60 7.93
C ARG A 14 3.94 -23.08 8.27
N PRO A 15 5.11 -23.47 8.73
CA PRO A 15 5.38 -24.86 9.06
C PRO A 15 4.35 -25.41 10.00
N GLY A 16 3.88 -26.62 9.68
CA GLY A 16 2.85 -27.26 10.47
C GLY A 16 1.44 -26.95 10.04
N LEU A 17 1.30 -25.98 9.13
CA LEU A 17 0.00 -25.45 8.73
C LEU A 17 -0.19 -25.54 7.20
N GLY A 18 0.61 -26.34 6.53
CA GLY A 18 0.50 -26.57 5.11
C GLY A 18 1.42 -25.70 4.26
N GLU A 19 1.02 -25.47 3.02
CA GLU A 19 1.84 -24.80 2.07
C GLU A 19 1.86 -23.29 2.38
N PRO A 20 2.90 -22.60 1.93
CA PRO A 20 2.96 -21.14 2.12
C PRO A 20 1.77 -20.38 1.55
N ARG A 21 1.48 -19.24 2.15
CA ARG A 21 0.59 -18.27 1.52
C ARG A 21 1.33 -17.48 0.46
N TYR A 22 0.73 -17.38 -0.71
CA TYR A 22 1.35 -16.68 -1.81
C TYR A 22 0.37 -15.67 -2.33
N MET A 23 0.83 -14.44 -2.50
CA MET A 23 -0.02 -13.36 -3.00
C MET A 23 0.65 -12.50 -4.02
N GLU A 24 -0.10 -12.10 -5.05
CA GLU A 24 0.34 -11.06 -5.98
C GLU A 24 -0.69 -9.95 -5.97
N VAL A 25 -0.23 -8.70 -5.82
CA VAL A 25 -1.10 -7.54 -5.89
C VAL A 25 -0.48 -6.60 -6.88
N GLY A 26 -1.27 -6.22 -7.90
CA GLY A 26 -0.82 -5.38 -8.99
C GLY A 26 -1.43 -4.00 -8.88
N TYR A 27 -0.63 -2.96 -9.13
CA TYR A 27 -1.10 -1.58 -9.20
C TYR A 27 -0.73 -0.95 -10.53
N VAL A 28 -1.61 -0.10 -11.04
CA VAL A 28 -1.23 0.91 -12.00
C VAL A 28 -1.33 2.25 -11.25
N ASP A 29 -0.23 3.02 -11.17
CA ASP A 29 -0.25 4.30 -10.33
C ASP A 29 -1.05 4.34 -9.00
N ASP A 30 -0.63 3.78 -7.93
CA ASP A 30 -1.52 3.95 -6.72
C ASP A 30 -2.93 3.28 -6.77
N THR A 31 -3.40 2.74 -7.91
CA THR A 31 -4.70 2.02 -7.91
C THR A 31 -4.49 0.52 -8.07
N GLU A 32 -4.94 -0.26 -7.08
CA GLU A 32 -5.00 -1.71 -7.15
C GLU A 32 -5.88 -2.13 -8.33
N PHE A 33 -5.38 -3.04 -9.17
CA PHE A 33 -6.13 -3.45 -10.35
C PHE A 33 -6.21 -4.97 -10.58
N VAL A 34 -5.29 -5.76 -10.02
CA VAL A 34 -5.41 -7.20 -10.01
C VAL A 34 -4.84 -7.79 -8.73
N ARG A 35 -5.29 -9.00 -8.42
CA ARG A 35 -4.83 -9.76 -7.25
C ARG A 35 -4.92 -11.27 -7.40
N PHE A 36 -3.92 -11.96 -6.85
CA PHE A 36 -3.97 -13.39 -6.61
C PHE A 36 -3.64 -13.66 -5.13
N ASP A 37 -4.47 -14.48 -4.50
CA ASP A 37 -4.28 -14.93 -3.12
C ASP A 37 -4.51 -16.44 -3.02
N SER A 38 -3.45 -17.16 -2.63
CA SER A 38 -3.48 -18.62 -2.57
C SER A 38 -4.43 -19.15 -1.52
N ASP A 39 -4.76 -18.29 -0.57
CA ASP A 39 -5.68 -18.65 0.49
C ASP A 39 -7.15 -18.49 0.14
N ALA A 40 -7.48 -17.80 -0.94
CA ALA A 40 -8.85 -17.72 -1.41
C ALA A 40 -9.46 -19.10 -1.55
N GLU A 41 -10.79 -19.18 -1.41
CA GLU A 41 -11.50 -20.47 -1.50
C GLU A 41 -11.20 -21.16 -2.84
N ASN A 42 -11.32 -20.39 -3.93
CA ASN A 42 -10.90 -20.83 -5.27
C ASN A 42 -9.86 -19.85 -5.86
N PRO A 43 -8.56 -20.12 -5.71
CA PRO A 43 -7.55 -19.09 -6.02
C PRO A 43 -7.43 -18.88 -7.54
N ARG A 44 -7.67 -17.64 -7.97
CA ARG A 44 -7.54 -17.25 -9.37
C ARG A 44 -7.11 -15.79 -9.39
N TYR A 45 -6.54 -15.36 -10.51
CA TYR A 45 -6.31 -13.92 -10.73
C TYR A 45 -7.66 -13.25 -10.82
N GLU A 46 -7.81 -12.10 -10.18
CA GLU A 46 -9.09 -11.42 -10.17
C GLU A 46 -8.90 -9.96 -10.48
N PRO A 47 -9.86 -9.34 -11.16
CA PRO A 47 -9.81 -7.90 -11.38
C PRO A 47 -10.05 -7.15 -10.06
N ARG A 48 -9.35 -6.06 -9.85
CA ARG A 48 -9.59 -5.23 -8.64
C ARG A 48 -9.99 -3.81 -9.00
N ALA A 49 -9.95 -3.48 -10.29
CA ALA A 49 -10.48 -2.22 -10.78
C ALA A 49 -11.54 -2.54 -11.84
N ARG A 50 -12.55 -1.70 -11.91
CA ARG A 50 -13.68 -1.94 -12.84
C ARG A 50 -13.28 -2.04 -14.31
N TRP A 51 -12.30 -1.26 -14.75
CA TRP A 51 -11.91 -1.24 -16.17
C TRP A 51 -11.24 -2.54 -16.60
N MET A 52 -10.79 -3.37 -15.65
CA MET A 52 -10.23 -4.68 -16.01
C MET A 52 -11.32 -5.64 -16.53
N GLU A 53 -12.57 -5.21 -16.48
CA GLU A 53 -13.65 -5.97 -17.12
C GLU A 53 -13.41 -6.04 -18.64
N GLN A 54 -12.57 -5.14 -19.15
CA GLN A 54 -12.20 -5.12 -20.56
C GLN A 54 -11.28 -6.24 -21.01
N GLU A 55 -10.69 -7.00 -20.08
CA GLU A 55 -9.91 -8.17 -20.47
C GLU A 55 -10.81 -9.38 -20.61
N GLY A 56 -10.60 -10.14 -21.68
CA GLY A 56 -11.30 -11.39 -21.92
C GLY A 56 -10.88 -12.54 -20.99
N PRO A 57 -11.63 -13.65 -21.07
CA PRO A 57 -11.43 -14.77 -20.14
C PRO A 57 -10.02 -15.34 -20.27
N GLU A 58 -9.46 -15.25 -21.47
CA GLU A 58 -8.11 -15.70 -21.70
C GLU A 58 -7.09 -15.00 -20.80
N TYR A 59 -7.24 -13.70 -20.57
CA TYR A 59 -6.35 -13.00 -19.66
C TYR A 59 -6.36 -13.63 -18.28
N TRP A 60 -7.54 -13.87 -17.74
CA TRP A 60 -7.66 -14.38 -16.37
C TRP A 60 -7.12 -15.80 -16.28
N GLU A 61 -7.32 -16.57 -17.32
CA GLU A 61 -6.81 -17.95 -17.29
C GLU A 61 -5.29 -17.94 -17.34
N ARG A 62 -4.71 -17.16 -18.24
CA ARG A 62 -3.26 -17.13 -18.40
C ARG A 62 -2.52 -16.55 -17.20
N GLU A 63 -3.01 -15.43 -16.69
CA GLU A 63 -2.42 -14.85 -15.49
C GLU A 63 -2.61 -15.72 -14.22
N THR A 64 -3.71 -16.43 -14.13
CA THR A 64 -3.91 -17.44 -13.09
C THR A 64 -2.85 -18.56 -13.20
N GLN A 65 -2.63 -19.07 -14.40
CA GLN A 65 -1.62 -20.08 -14.63
C GLN A 65 -0.23 -19.54 -14.30
N LYS A 66 0.04 -18.30 -14.67
CA LYS A 66 1.35 -17.74 -14.35
C LYS A 66 1.52 -17.57 -12.82
N ALA A 67 0.46 -17.12 -12.15
CA ALA A 67 0.48 -16.95 -10.69
C ALA A 67 0.76 -18.29 -9.96
N LYS A 68 0.11 -19.36 -10.39
CA LYS A 68 0.28 -20.69 -9.84
C LYS A 68 1.71 -21.21 -10.05
N GLY A 69 2.30 -20.92 -11.21
CA GLY A 69 3.69 -21.28 -11.44
C GLY A 69 4.61 -20.49 -10.53
N ASN A 70 4.34 -19.21 -10.45
CA ASN A 70 5.08 -18.35 -9.56
C ASN A 70 5.00 -18.83 -8.11
N GLU A 71 3.79 -19.20 -7.68
CA GLU A 71 3.57 -19.74 -6.34
C GLU A 71 4.48 -20.94 -6.05
N GLN A 72 4.55 -21.87 -7.01
CA GLN A 72 5.41 -23.04 -6.86
C GLN A 72 6.87 -22.63 -6.81
N SER A 73 7.27 -21.63 -7.59
CA SER A 73 8.65 -21.08 -7.55
C SER A 73 9.03 -20.56 -6.22
N PHE A 74 8.15 -19.78 -5.62
CA PHE A 74 8.40 -19.25 -4.30
C PHE A 74 8.36 -20.31 -3.23
N ARG A 75 7.60 -21.36 -3.40
CA ARG A 75 7.64 -22.45 -2.43
C ARG A 75 9.04 -23.07 -2.36
N VAL A 76 9.57 -23.34 -3.54
CA VAL A 76 10.92 -23.84 -3.70
C VAL A 76 11.92 -22.86 -3.11
N ASP A 77 11.78 -21.58 -3.42
CA ASP A 77 12.71 -20.58 -2.92
C ASP A 77 12.76 -20.56 -1.41
N LEU A 78 11.61 -20.64 -0.76
CA LEU A 78 11.57 -20.62 0.71
C LEU A 78 12.40 -21.78 1.31
N ARG A 79 12.28 -22.99 0.75
CA ARG A 79 13.11 -24.14 1.17
C ARG A 79 14.58 -23.88 0.80
N THR A 80 14.84 -23.32 -0.38
CA THR A 80 16.22 -23.03 -0.81
C THR A 80 16.93 -22.11 0.19
N LEU A 81 16.26 -21.02 0.54
CA LEU A 81 16.81 -20.03 1.47
C LEU A 81 17.01 -20.59 2.88
N LEU A 82 16.17 -21.53 3.31
CA LEU A 82 16.38 -22.19 4.59
C LEU A 82 17.78 -22.81 4.65
N GLY A 83 18.19 -23.46 3.56
CA GLY A 83 19.53 -23.98 3.44
C GLY A 83 20.63 -22.95 3.33
N TYR A 84 20.40 -21.88 2.55
CA TYR A 84 21.40 -20.82 2.37
C TYR A 84 21.72 -20.19 3.72
N TYR A 85 20.70 -19.99 4.54
CA TYR A 85 20.90 -19.32 5.83
C TYR A 85 21.09 -20.32 6.98
N ASN A 86 21.08 -21.63 6.70
CA ASN A 86 21.15 -22.69 7.73
C ASN A 86 20.07 -22.57 8.82
N GLN A 87 18.82 -22.37 8.42
CA GLN A 87 17.73 -22.13 9.38
C GLN A 87 16.89 -23.42 9.53
N SER A 88 16.19 -23.57 10.64
CA SER A 88 15.36 -24.78 10.86
C SER A 88 14.07 -24.73 10.06
N LYS A 89 13.47 -25.91 9.91
CA LYS A 89 12.15 -26.02 9.28
C LYS A 89 10.99 -25.43 10.09
N GLY A 90 11.20 -25.14 11.37
CA GLY A 90 10.09 -24.84 12.25
C GLY A 90 9.59 -23.42 12.23
N GLY A 91 10.36 -22.53 11.62
CA GLY A 91 10.03 -21.11 11.64
C GLY A 91 9.37 -20.61 10.36
N SER A 92 8.54 -19.59 10.51
CA SER A 92 7.96 -18.89 9.38
C SER A 92 8.93 -17.88 8.81
N HIS A 93 9.03 -17.89 7.48
CA HIS A 93 9.82 -16.90 6.74
C HIS A 93 9.04 -16.27 5.61
N THR A 94 9.53 -15.13 5.15
CA THR A 94 8.81 -14.30 4.19
C THR A 94 9.76 -13.92 3.06
N ILE A 95 9.34 -14.16 1.81
CA ILE A 95 10.01 -13.55 0.67
C ILE A 95 9.07 -12.46 0.12
N GLN A 96 9.65 -11.31 -0.24
CA GLN A 96 8.89 -10.20 -0.84
C GLN A 96 9.55 -9.78 -2.13
N VAL A 97 8.75 -9.41 -3.12
CA VAL A 97 9.29 -8.88 -4.36
C VAL A 97 8.48 -7.69 -4.82
N ILE A 98 9.14 -6.67 -5.32
CA ILE A 98 8.45 -5.62 -6.05
C ILE A 98 9.06 -5.59 -7.43
N SER A 99 8.18 -5.63 -8.41
CA SER A 99 8.56 -5.84 -9.78
C SER A 99 7.72 -4.93 -10.68
N GLY A 100 8.33 -4.29 -11.67
CA GLY A 100 7.56 -3.52 -12.64
C GLY A 100 8.30 -2.44 -13.33
N CYS A 101 7.56 -1.52 -13.91
CA CYS A 101 8.13 -0.54 -14.78
C CYS A 101 7.38 0.78 -14.71
N GLU A 102 8.06 1.82 -15.12
CA GLU A 102 7.54 3.18 -15.24
C GLU A 102 7.78 3.68 -16.65
N VAL A 103 6.79 4.37 -17.21
CA VAL A 103 6.86 5.02 -18.51
C VAL A 103 6.56 6.52 -18.37
N GLY A 104 7.04 7.32 -19.32
CA GLY A 104 6.75 8.75 -19.38
C GLY A 104 5.37 8.94 -19.97
N SER A 105 4.97 10.19 -20.12
CA SER A 105 3.70 10.55 -20.77
C SER A 105 3.60 10.07 -22.23
N ASP A 106 4.75 9.88 -22.88
CA ASP A 106 4.79 9.33 -24.25
C ASP A 106 4.81 7.79 -24.34
N GLY A 107 4.65 7.10 -23.22
CA GLY A 107 4.55 5.65 -23.20
C GLY A 107 5.88 4.93 -23.19
N ARG A 108 6.99 5.66 -23.17
CA ARG A 108 8.28 5.01 -23.30
C ARG A 108 8.90 4.73 -21.93
N LEU A 109 9.64 3.63 -21.85
CA LEU A 109 10.30 3.19 -20.63
C LEU A 109 11.20 4.27 -20.01
N LEU A 110 10.96 4.58 -18.75
CA LEU A 110 11.86 5.43 -17.96
C LEU A 110 12.69 4.60 -17.01
N ARG A 111 12.08 3.60 -16.38
CA ARG A 111 12.72 2.81 -15.34
C ARG A 111 12.10 1.41 -15.20
N GLY A 112 12.93 0.40 -14.97
CA GLY A 112 12.44 -0.93 -14.65
C GLY A 112 13.00 -1.34 -13.31
N TYR A 113 12.31 -2.22 -12.59
CA TYR A 113 12.86 -2.65 -11.30
C TYR A 113 12.37 -4.02 -10.86
N GLN A 114 13.20 -4.65 -10.04
CA GLN A 114 12.89 -5.93 -9.49
C GLN A 114 13.76 -6.12 -8.26
N GLN A 115 13.14 -6.11 -7.10
CA GLN A 115 13.84 -6.04 -5.83
C GLN A 115 13.23 -7.10 -4.94
N TYR A 116 14.08 -7.91 -4.30
CA TYR A 116 13.65 -8.98 -3.39
C TYR A 116 14.17 -8.72 -1.98
N ALA A 117 13.34 -9.13 -1.01
CA ALA A 117 13.69 -9.19 0.37
C ALA A 117 13.45 -10.60 0.92
N TYR A 118 14.22 -10.98 1.94
CA TYR A 118 13.96 -12.11 2.81
C TYR A 118 13.88 -11.64 4.25
N ASP A 119 12.79 -12.02 4.93
CA ASP A 119 12.55 -11.70 6.31
C ASP A 119 12.75 -10.20 6.59
N GLY A 120 12.39 -9.38 5.60
CA GLY A 120 12.21 -7.96 5.79
C GLY A 120 13.48 -7.19 5.48
N CYS A 121 14.49 -7.86 4.94
CA CYS A 121 15.78 -7.24 4.64
C CYS A 121 16.08 -7.47 3.15
N ASP A 122 16.70 -6.47 2.53
CA ASP A 122 17.24 -6.56 1.18
C ASP A 122 17.93 -7.89 0.92
N TYR A 123 17.64 -8.48 -0.24
CA TYR A 123 18.21 -9.76 -0.62
C TYR A 123 18.98 -9.61 -1.92
N ILE A 124 18.26 -9.40 -3.03
CA ILE A 124 18.89 -9.08 -4.28
C ILE A 124 18.02 -8.09 -5.06
N ALA A 125 18.66 -7.32 -5.93
CA ALA A 125 17.94 -6.35 -6.77
C ALA A 125 18.60 -6.24 -8.12
N LEU A 126 17.79 -6.01 -9.15
CA LEU A 126 18.28 -5.60 -10.46
C LEU A 126 18.74 -4.13 -10.38
N ASN A 127 19.93 -3.87 -10.92
CA ASN A 127 20.49 -2.52 -10.94
C ASN A 127 19.76 -1.72 -12.03
N GLU A 128 19.84 -0.39 -11.97
CA GLU A 128 19.13 0.50 -12.90
C GLU A 128 19.52 0.21 -14.36
N ASP A 129 20.74 -0.24 -14.58
CA ASP A 129 21.20 -0.66 -15.92
C ASP A 129 20.43 -1.86 -16.61
N LEU A 130 19.65 -2.61 -15.83
CA LEU A 130 18.92 -3.79 -16.31
C LEU A 130 19.81 -4.93 -16.83
N LYS A 131 21.05 -4.93 -16.35
CA LYS A 131 22.02 -5.90 -16.81
C LYS A 131 22.69 -6.64 -15.66
N THR A 132 22.75 -6.04 -14.47
CA THR A 132 23.43 -6.66 -13.32
C THR A 132 22.63 -6.57 -12.03
N TRP A 133 23.09 -7.34 -11.04
CA TRP A 133 22.41 -7.50 -9.79
C TRP A 133 23.25 -6.97 -8.64
N THR A 134 22.59 -6.45 -7.61
CA THR A 134 23.23 -6.30 -6.30
C THR A 134 22.66 -7.24 -5.24
N ALA A 135 23.58 -7.89 -4.54
CA ALA A 135 23.28 -8.89 -3.54
C ALA A 135 23.63 -8.31 -2.16
N ALA A 136 22.69 -8.39 -1.22
CA ALA A 136 22.87 -7.73 0.08
C ALA A 136 23.75 -8.55 0.98
N ASP A 137 23.88 -9.82 0.65
CA ASP A 137 24.59 -10.76 1.51
C ASP A 137 25.06 -11.99 0.72
N MET A 138 25.67 -12.96 1.41
CA MET A 138 26.36 -14.06 0.73
C MET A 138 25.41 -15.14 0.23
N ALA A 139 24.26 -15.21 0.86
CA ALA A 139 23.18 -16.07 0.39
C ALA A 139 22.73 -15.54 -0.99
N ALA A 140 22.40 -14.24 -1.04
CA ALA A 140 22.00 -13.59 -2.27
C ALA A 140 23.08 -13.66 -3.33
N LEU A 141 24.34 -13.74 -2.91
CA LEU A 141 25.42 -13.93 -3.85
C LEU A 141 25.31 -15.25 -4.59
N ILE A 142 24.75 -16.26 -3.95
CA ILE A 142 24.55 -17.57 -4.60
C ILE A 142 23.52 -17.45 -5.70
N THR A 143 22.41 -16.81 -5.36
CA THR A 143 21.35 -16.51 -6.31
C THR A 143 21.89 -15.68 -7.50
N LYS A 144 22.65 -14.63 -7.21
CA LYS A 144 23.26 -13.79 -8.27
C LYS A 144 24.03 -14.65 -9.25
N HIS A 145 24.86 -15.53 -8.72
CA HIS A 145 25.70 -16.39 -9.53
C HIS A 145 24.80 -17.30 -10.39
N LYS A 146 23.71 -17.87 -9.85
CA LYS A 146 22.80 -18.67 -10.68
C LYS A 146 22.14 -17.88 -11.84
N TRP A 147 21.65 -16.71 -11.50
CA TRP A 147 20.96 -15.87 -12.46
C TRP A 147 21.91 -15.40 -13.55
N GLU A 148 23.17 -15.18 -13.21
CA GLU A 148 24.16 -14.76 -14.21
C GLU A 148 24.42 -15.87 -15.21
N GLN A 149 24.54 -17.10 -14.72
CA GLN A 149 24.82 -18.23 -15.61
C GLN A 149 23.61 -18.63 -16.47
N ALA A 150 22.40 -18.33 -16.00
CA ALA A 150 21.18 -18.65 -16.72
C ALA A 150 20.70 -17.51 -17.60
N GLY A 151 21.35 -16.35 -17.52
CA GLY A 151 20.96 -15.19 -18.32
C GLY A 151 19.63 -14.58 -17.86
N GLU A 152 19.42 -14.57 -16.55
CA GLU A 152 18.17 -14.13 -15.97
C GLU A 152 17.93 -12.64 -16.17
N ALA A 153 19.01 -11.86 -16.11
CA ALA A 153 18.87 -10.44 -16.26
C ALA A 153 18.38 -10.08 -17.66
N GLU A 154 18.93 -10.72 -18.68
CA GLU A 154 18.46 -10.43 -20.03
C GLU A 154 16.98 -10.84 -20.20
N ARG A 155 16.58 -11.96 -19.58
CA ARG A 155 15.18 -12.40 -19.56
C ARG A 155 14.30 -11.34 -18.93
N LEU A 156 14.75 -10.81 -17.80
CA LEU A 156 14.01 -9.80 -17.05
C LEU A 156 13.95 -8.51 -17.83
N ARG A 157 15.06 -8.14 -18.43
CA ARG A 157 15.10 -6.90 -19.20
C ARG A 157 14.14 -6.96 -20.40
N ALA A 158 14.07 -8.11 -21.08
CA ALA A 158 13.08 -8.29 -22.15
C ALA A 158 11.63 -8.16 -21.66
N TYR A 159 11.32 -8.73 -20.49
CA TYR A 159 10.03 -8.46 -19.85
C TYR A 159 9.79 -6.96 -19.58
N LEU A 160 10.75 -6.28 -18.97
CA LEU A 160 10.57 -4.92 -18.55
C LEU A 160 10.39 -3.98 -19.77
N GLU A 161 11.18 -4.22 -20.83
CA GLU A 161 11.14 -3.36 -22.03
C GLU A 161 9.96 -3.72 -22.91
N GLY A 162 9.46 -4.93 -22.76
CA GLY A 162 8.50 -5.49 -23.70
C GLY A 162 7.15 -5.59 -23.06
N THR A 163 6.82 -6.76 -22.53
CA THR A 163 5.58 -7.06 -21.83
C THR A 163 5.16 -6.00 -20.82
N CYS A 164 6.07 -5.60 -19.94
CA CYS A 164 5.68 -4.68 -18.85
C CYS A 164 5.22 -3.33 -19.43
N VAL A 165 5.99 -2.74 -20.32
CA VAL A 165 5.55 -1.46 -20.85
C VAL A 165 4.34 -1.62 -21.76
N GLU A 166 4.26 -2.68 -22.57
CA GLU A 166 3.13 -2.86 -23.48
C GLU A 166 1.79 -3.03 -22.77
N TRP A 167 1.79 -3.83 -21.71
CA TRP A 167 0.61 -4.03 -20.92
C TRP A 167 0.28 -2.78 -20.09
N LEU A 168 1.28 -2.06 -19.60
CA LEU A 168 0.99 -0.83 -18.86
C LEU A 168 0.30 0.17 -19.77
N ARG A 169 0.74 0.25 -21.01
CA ARG A 169 0.12 1.16 -21.95
C ARG A 169 -1.33 0.78 -22.18
N ARG A 170 -1.57 -0.52 -22.32
CA ARG A 170 -2.92 -1.02 -22.55
C ARG A 170 -3.79 -0.73 -21.34
N TYR A 171 -3.29 -0.94 -20.12
CA TYR A 171 -4.08 -0.66 -18.90
C TYR A 171 -4.44 0.82 -18.81
N LEU A 172 -3.49 1.68 -19.12
CA LEU A 172 -3.73 3.13 -19.15
C LEU A 172 -4.75 3.53 -20.19
N LYS A 173 -4.75 2.84 -21.34
CA LYS A 173 -5.73 3.09 -22.38
C LYS A 173 -7.11 2.64 -21.94
N ASN A 174 -7.21 1.38 -21.54
CA ASN A 174 -8.51 0.82 -21.13
C ASN A 174 -9.06 1.52 -19.88
N GLY A 175 -8.18 1.82 -18.94
CA GLY A 175 -8.60 2.40 -17.67
C GLY A 175 -8.52 3.92 -17.64
N ASN A 176 -8.43 4.55 -18.81
CA ASN A 176 -8.13 5.99 -18.88
C ASN A 176 -9.06 6.91 -18.05
N ALA A 177 -10.36 6.63 -18.03
CA ALA A 177 -11.32 7.44 -17.30
C ALA A 177 -11.06 7.42 -15.78
N THR A 178 -10.45 6.34 -15.31
CA THR A 178 -10.12 6.17 -13.90
C THR A 178 -8.68 6.62 -13.61
N LEU A 179 -7.75 6.15 -14.42
CA LEU A 179 -6.33 6.33 -14.18
C LEU A 179 -5.81 7.75 -14.50
N LEU A 180 -6.42 8.40 -15.48
CA LEU A 180 -5.98 9.72 -15.90
C LEU A 180 -6.84 10.86 -15.34
N ARG A 181 -7.74 10.52 -14.44
CA ARG A 181 -8.55 11.51 -13.79
C ARG A 181 -7.77 12.26 -12.70
N THR A 182 -8.30 13.41 -12.32
CA THR A 182 -7.90 14.13 -11.13
C THR A 182 -9.11 14.39 -10.26
N ASP A 183 -9.05 13.99 -8.99
CA ASP A 183 -10.06 14.37 -8.00
C ASP A 183 -9.38 15.33 -7.04
N SER A 184 -9.94 16.52 -6.91
CA SER A 184 -9.38 17.61 -6.13
C SER A 184 -9.61 17.35 -4.66
N PRO A 185 -8.64 17.63 -3.81
CA PRO A 185 -8.87 17.55 -2.37
C PRO A 185 -9.89 18.57 -1.90
N LYS A 186 -10.64 18.18 -0.89
CA LYS A 186 -11.41 19.09 -0.08
C LYS A 186 -10.77 19.11 1.29
N ALA A 187 -10.48 20.30 1.81
CA ALA A 187 -9.81 20.44 3.09
C ALA A 187 -10.67 21.04 4.19
N HIS A 188 -10.27 20.76 5.42
CA HIS A 188 -10.81 21.41 6.61
C HIS A 188 -9.85 21.31 7.78
N VAL A 189 -10.09 22.13 8.81
CA VAL A 189 -9.21 22.21 9.95
C VAL A 189 -10.05 21.91 11.19
N THR A 190 -9.56 21.02 12.05
CA THR A 190 -10.19 20.76 13.34
C THR A 190 -9.28 21.29 14.41
N HIS A 191 -9.81 21.38 15.63
CA HIS A 191 -9.19 22.10 16.73
C HIS A 191 -9.42 21.24 17.98
N HIS A 192 -8.37 21.04 18.79
CA HIS A 192 -8.48 20.27 20.03
C HIS A 192 -7.65 20.94 21.11
N SER A 193 -8.25 21.06 22.27
CA SER A 193 -7.55 21.63 23.38
C SER A 193 -6.46 20.67 23.89
N ARG A 194 -5.43 21.24 24.50
CA ARG A 194 -4.36 20.53 25.14
C ARG A 194 -4.25 21.10 26.55
N PRO A 195 -3.45 20.48 27.40
CA PRO A 195 -3.07 21.15 28.65
C PRO A 195 -2.04 22.25 28.33
N GLU A 196 -1.92 23.23 29.20
CA GLU A 196 -0.84 24.22 29.05
C GLU A 196 -1.21 25.39 28.11
N ASP A 197 -2.51 25.68 27.92
CA ASP A 197 -2.95 26.78 27.05
C ASP A 197 -2.38 26.61 25.64
N LYS A 198 -2.50 25.39 25.15
CA LYS A 198 -2.08 25.08 23.78
C LYS A 198 -3.16 24.28 23.13
N VAL A 199 -3.04 24.10 21.83
CA VAL A 199 -4.16 23.74 20.99
C VAL A 199 -3.57 22.97 19.81
N THR A 200 -4.21 21.88 19.45
CA THR A 200 -3.88 21.15 18.23
C THR A 200 -4.77 21.62 17.08
N LEU A 201 -4.14 22.04 16.00
CA LEU A 201 -4.85 22.36 14.76
C LEU A 201 -4.52 21.23 13.79
N ARG A 202 -5.55 20.61 13.21
CA ARG A 202 -5.33 19.50 12.28
C ARG A 202 -5.88 19.86 10.92
N CYS A 203 -5.05 19.83 9.89
CA CYS A 203 -5.51 20.07 8.54
C CYS A 203 -5.74 18.74 7.79
N TRP A 204 -6.97 18.54 7.35
CA TRP A 204 -7.40 17.39 6.58
C TRP A 204 -7.53 17.73 5.11
N ALA A 205 -7.14 16.77 4.28
CA ALA A 205 -7.35 16.80 2.84
C ALA A 205 -7.98 15.45 2.44
N LEU A 206 -9.18 15.53 1.87
CA LEU A 206 -10.05 14.41 1.58
C LEU A 206 -10.33 14.25 0.09
N GLY A 207 -10.70 13.02 -0.29
CA GLY A 207 -11.22 12.70 -1.62
C GLY A 207 -10.37 12.96 -2.83
N PHE A 208 -9.05 12.87 -2.69
CA PHE A 208 -8.17 13.23 -3.78
C PHE A 208 -7.54 12.04 -4.55
N TYR A 209 -7.26 12.30 -5.83
CA TYR A 209 -6.58 11.34 -6.68
C TYR A 209 -5.83 12.17 -7.73
N PRO A 210 -4.55 11.89 -7.99
CA PRO A 210 -3.77 10.82 -7.36
C PRO A 210 -3.31 11.08 -5.94
N ALA A 211 -2.58 10.11 -5.40
CA ALA A 211 -2.14 10.13 -4.01
C ALA A 211 -1.17 11.26 -3.66
N ASP A 212 -0.36 11.69 -4.64
CA ASP A 212 0.69 12.71 -4.35
C ASP A 212 0.04 14.02 -3.91
N ILE A 213 0.44 14.49 -2.75
CA ILE A 213 -0.04 15.74 -2.21
C ILE A 213 0.99 16.31 -1.23
N THR A 214 0.88 17.61 -0.99
CA THR A 214 1.64 18.24 0.05
C THR A 214 0.70 19.09 0.91
N LEU A 215 0.85 18.92 2.22
CA LEU A 215 0.18 19.72 3.23
C LEU A 215 1.23 20.33 4.10
N THR A 216 1.16 21.64 4.27
CA THR A 216 2.05 22.31 5.21
C THR A 216 1.23 23.23 6.08
N TRP A 217 1.83 23.62 7.18
CA TRP A 217 1.31 24.70 8.01
C TRP A 217 2.32 25.82 8.01
N GLN A 218 1.85 27.06 7.99
CA GLN A 218 2.72 28.22 7.97
C GLN A 218 2.34 29.17 9.08
N LEU A 219 3.36 29.86 9.59
CA LEU A 219 3.21 31.00 10.49
C LEU A 219 4.08 32.09 9.91
N ASN A 220 3.51 33.27 9.67
CA ASN A 220 4.31 34.38 9.12
C ASN A 220 5.03 34.00 7.82
N GLY A 221 4.40 33.16 7.00
CA GLY A 221 4.98 32.81 5.71
C GLY A 221 6.13 31.80 5.75
N GLU A 222 6.50 31.31 6.93
CA GLU A 222 7.51 30.27 7.09
C GLU A 222 6.80 28.92 7.31
N GLU A 223 7.28 27.88 6.64
CA GLU A 223 6.79 26.54 6.88
C GLU A 223 7.30 26.00 8.22
N LEU A 224 6.44 25.27 8.91
CA LEU A 224 6.79 24.65 10.20
C LEU A 224 7.03 23.12 10.05
N ILE A 225 7.79 22.70 9.03
CA ILE A 225 8.02 21.25 8.77
C ILE A 225 8.47 20.50 10.03
N GLN A 226 9.37 21.13 10.80
CA GLN A 226 9.92 20.57 12.02
C GLN A 226 8.84 20.04 12.98
N ASP A 227 7.86 20.88 13.29
CA ASP A 227 6.97 20.67 14.45
C ASP A 227 5.60 20.02 14.12
N MET A 228 5.39 19.70 12.84
CA MET A 228 4.16 19.06 12.41
C MET A 228 4.16 17.59 12.74
N GLU A 229 3.00 17.06 13.11
CA GLU A 229 2.72 15.63 13.02
C GLU A 229 1.85 15.38 11.77
N LEU A 230 2.03 14.24 11.15
CA LEU A 230 1.24 13.89 10.00
C LEU A 230 1.06 12.36 9.91
N VAL A 231 0.18 11.93 9.03
CA VAL A 231 0.09 10.52 8.68
C VAL A 231 0.48 10.42 7.22
N GLU A 232 1.03 9.28 6.84
CA GLU A 232 1.30 9.02 5.44
C GLU A 232 -0.04 9.05 4.73
N THR A 233 -0.01 9.50 3.48
CA THR A 233 -1.16 9.51 2.62
C THR A 233 -1.73 8.11 2.54
N ARG A 234 -3.05 8.01 2.56
CA ARG A 234 -3.70 6.73 2.81
C ARG A 234 -4.98 6.53 2.03
N PRO A 235 -5.21 5.29 1.59
CA PRO A 235 -6.39 4.99 0.77
C PRO A 235 -7.66 5.05 1.61
N ALA A 236 -8.80 5.48 1.01
CA ALA A 236 -10.05 5.68 1.74
C ALA A 236 -11.18 4.79 1.31
N GLY A 237 -10.87 3.74 0.54
CA GLY A 237 -11.79 2.67 0.34
C GLY A 237 -12.47 2.66 -1.01
N ASP A 238 -12.34 3.74 -1.78
CA ASP A 238 -13.08 3.90 -3.05
C ASP A 238 -12.19 4.38 -4.19
N GLY A 239 -10.89 4.23 -4.03
CA GLY A 239 -9.94 4.63 -5.03
C GLY A 239 -9.42 6.05 -4.86
N THR A 240 -9.86 6.75 -3.81
CA THR A 240 -9.28 8.03 -3.44
C THR A 240 -8.42 7.89 -2.20
N PHE A 241 -7.79 9.00 -1.84
CA PHE A 241 -6.84 9.08 -0.76
C PHE A 241 -7.15 10.21 0.20
N GLN A 242 -6.54 10.16 1.37
CA GLN A 242 -6.64 11.21 2.38
C GLN A 242 -5.33 11.38 3.13
N LYS A 243 -5.22 12.53 3.78
CA LYS A 243 -4.07 12.85 4.58
C LYS A 243 -4.43 13.91 5.62
N TRP A 244 -3.76 13.87 6.76
CA TRP A 244 -3.77 15.02 7.64
C TRP A 244 -2.39 15.40 8.16
N ALA A 245 -2.27 16.66 8.64
CA ALA A 245 -1.07 17.17 9.26
C ALA A 245 -1.49 18.17 10.33
N SER A 246 -0.87 18.09 11.49
CA SER A 246 -1.27 18.93 12.61
C SER A 246 -0.10 19.74 13.19
N VAL A 247 -0.43 20.79 13.90
CA VAL A 247 0.57 21.59 14.57
C VAL A 247 -0.02 22.00 15.91
N VAL A 248 0.85 22.14 16.90
CA VAL A 248 0.49 22.58 18.23
C VAL A 248 0.83 24.06 18.35
N VAL A 249 -0.15 24.86 18.74
CA VAL A 249 -0.02 26.31 18.72
C VAL A 249 -0.63 26.91 20.01
N PRO A 250 -0.23 28.12 20.37
CA PRO A 250 -0.74 28.77 21.59
C PRO A 250 -2.23 29.13 21.46
N LEU A 251 -2.97 28.85 22.53
CA LEU A 251 -4.38 29.20 22.59
C LEU A 251 -4.45 30.71 22.35
N GLY A 252 -5.45 31.15 21.58
CA GLY A 252 -5.63 32.55 21.24
C GLY A 252 -4.91 33.04 19.99
N LYS A 253 -4.04 32.23 19.41
CA LYS A 253 -3.25 32.63 18.25
C LYS A 253 -3.43 31.71 17.06
N GLU A 254 -4.54 30.95 17.07
CA GLU A 254 -4.90 30.02 16.00
C GLU A 254 -5.04 30.73 14.66
N GLN A 255 -5.64 31.92 14.67
CA GLN A 255 -5.84 32.70 13.44
C GLN A 255 -4.57 33.08 12.69
N TYR A 256 -3.39 32.91 13.29
CA TYR A 256 -2.15 33.25 12.57
C TYR A 256 -1.56 32.09 11.80
N TYR A 257 -2.09 30.88 11.96
CA TYR A 257 -1.55 29.72 11.28
C TYR A 257 -2.45 29.34 10.10
N THR A 258 -1.84 28.94 8.97
CA THR A 258 -2.59 28.65 7.76
C THR A 258 -2.14 27.32 7.23
N CYS A 259 -3.08 26.45 6.90
CA CYS A 259 -2.73 25.21 6.22
C CYS A 259 -2.67 25.44 4.73
N HIS A 260 -1.70 24.84 4.07
CA HIS A 260 -1.57 24.95 2.60
C HIS A 260 -1.64 23.58 1.99
N VAL A 261 -2.47 23.43 0.96
CA VAL A 261 -2.67 22.18 0.28
C VAL A 261 -2.27 22.34 -1.19
N TYR A 262 -1.33 21.51 -1.63
CA TYR A 262 -0.85 21.47 -3.02
C TYR A 262 -1.14 20.12 -3.64
N HIS A 263 -1.75 20.15 -4.81
CA HIS A 263 -2.17 18.93 -5.47
C HIS A 263 -2.47 19.21 -6.94
N GLN A 264 -2.33 18.19 -7.77
CA GLN A 264 -2.65 18.21 -9.21
C GLN A 264 -4.03 18.80 -9.54
N GLY A 265 -5.04 18.55 -8.70
CA GLY A 265 -6.38 19.08 -8.95
C GLY A 265 -6.66 20.41 -8.28
N LEU A 266 -5.60 21.10 -7.87
CA LEU A 266 -5.70 22.42 -7.26
C LEU A 266 -4.86 23.36 -8.13
N PRO A 267 -5.51 23.96 -9.13
CA PRO A 267 -4.84 24.93 -10.01
C PRO A 267 -4.10 26.02 -9.23
N GLU A 268 -4.74 26.48 -8.17
CA GLU A 268 -4.11 27.30 -7.14
C GLU A 268 -4.22 26.54 -5.81
N PRO A 269 -3.12 26.41 -5.08
CA PRO A 269 -3.18 25.67 -3.81
C PRO A 269 -4.19 26.27 -2.86
N LEU A 270 -4.77 25.43 -2.01
CA LEU A 270 -5.66 25.91 -0.95
C LEU A 270 -4.91 26.50 0.23
N THR A 271 -5.45 27.58 0.75
CA THR A 271 -5.02 28.15 2.04
C THR A 271 -6.27 28.17 2.93
N LEU A 272 -6.17 27.54 4.11
CA LEU A 272 -7.27 27.58 5.08
C LEU A 272 -6.75 27.70 6.51
N ARG A 273 -7.69 28.01 7.38
CA ARG A 273 -7.47 28.30 8.80
C ARG A 273 -8.56 27.67 9.65
N TRP A 274 -8.35 27.58 10.95
CA TRP A 274 -9.46 27.18 11.80
C TRP A 274 -10.54 28.25 11.70
N GLU A 275 -11.78 27.81 11.50
CA GLU A 275 -12.97 28.66 11.50
C GLU A 275 -13.89 28.22 12.67
N PRO A 276 -13.97 29.02 13.73
CA PRO A 276 -14.88 28.72 14.85
C PRO A 276 -16.38 28.81 14.49
N ILE B 1 13.57 -9.59 12.56
CA ILE B 1 13.05 -8.20 12.35
C ILE B 1 11.54 -8.13 12.66
N GLN B 2 11.18 -7.16 13.49
CA GLN B 2 9.81 -7.06 13.95
C GLN B 2 9.39 -5.59 14.04
N LYS B 3 8.28 -5.25 13.41
CA LYS B 3 7.80 -3.88 13.41
C LYS B 3 6.36 -3.92 13.82
N THR B 4 6.04 -3.14 14.84
CA THR B 4 4.71 -3.03 15.38
C THR B 4 3.77 -2.27 14.44
N PRO B 5 2.57 -2.78 14.19
CA PRO B 5 1.63 -2.07 13.30
C PRO B 5 1.17 -0.74 13.83
N GLN B 6 1.05 0.21 12.91
CA GLN B 6 0.41 1.49 13.19
C GLN B 6 -0.99 1.32 12.64
N ILE B 7 -2.00 1.60 13.45
CA ILE B 7 -3.38 1.37 13.09
C ILE B 7 -4.11 2.68 13.02
N GLN B 8 -4.80 2.92 11.90
CA GLN B 8 -5.49 4.17 11.63
C GLN B 8 -6.92 3.95 11.19
N VAL B 9 -7.84 4.65 11.83
CA VAL B 9 -9.28 4.43 11.62
C VAL B 9 -9.91 5.74 11.20
N TYR B 10 -10.65 5.69 10.09
CA TYR B 10 -11.16 6.91 9.48
C TYR B 10 -12.22 6.65 8.44
N SER B 11 -13.11 7.62 8.27
CA SER B 11 -14.15 7.52 7.27
C SER B 11 -13.73 8.25 5.99
N ARG B 12 -14.33 7.80 4.88
CA ARG B 12 -14.10 8.41 3.55
C ARG B 12 -14.62 9.85 3.49
N HIS B 13 -15.82 10.05 4.03
CA HIS B 13 -16.48 11.37 4.12
C HIS B 13 -16.61 11.79 5.57
N PRO B 14 -16.60 13.11 5.85
CA PRO B 14 -16.94 13.59 7.20
C PRO B 14 -18.28 12.97 7.59
N PRO B 15 -18.42 12.44 8.79
CA PRO B 15 -19.61 11.64 9.07
C PRO B 15 -20.86 12.49 9.27
N GLU B 16 -21.97 11.99 8.76
CA GLU B 16 -23.27 12.56 8.99
C GLU B 16 -24.17 11.41 9.28
N ASN B 17 -24.90 11.48 10.39
CA ASN B 17 -25.76 10.38 10.78
C ASN B 17 -26.80 10.09 9.69
N GLY B 18 -26.98 8.82 9.35
CA GLY B 18 -27.97 8.41 8.37
C GLY B 18 -27.51 8.47 6.93
N LYS B 19 -26.28 8.93 6.69
CA LYS B 19 -25.72 9.05 5.35
C LYS B 19 -24.66 7.96 5.15
N PRO B 20 -24.80 7.18 4.07
CA PRO B 20 -23.83 6.15 3.73
C PRO B 20 -22.42 6.69 3.50
N ASN B 21 -21.45 5.88 3.90
CA ASN B 21 -20.06 6.32 4.00
C ASN B 21 -19.25 5.04 3.95
N ILE B 22 -17.94 5.17 4.05
CA ILE B 22 -17.04 4.06 4.14
C ILE B 22 -16.14 4.27 5.36
N LEU B 23 -16.05 3.23 6.18
CA LEU B 23 -15.10 3.15 7.27
C LEU B 23 -13.88 2.33 6.92
N ASN B 24 -12.73 2.85 7.33
CA ASN B 24 -11.43 2.35 6.94
C ASN B 24 -10.61 2.07 8.20
N CYS B 25 -9.86 1.00 8.11
CA CYS B 25 -8.85 0.70 9.10
C CYS B 25 -7.58 0.37 8.34
N TYR B 26 -6.62 1.30 8.34
CA TYR B 26 -5.35 1.09 7.63
C TYR B 26 -4.31 0.65 8.63
N VAL B 27 -3.71 -0.50 8.34
CA VAL B 27 -2.74 -1.12 9.22
C VAL B 27 -1.38 -1.10 8.52
N THR B 28 -0.43 -0.39 9.10
CA THR B 28 0.81 -0.11 8.39
C THR B 28 2.03 -0.39 9.19
N GLN B 29 3.13 -0.43 8.46
CA GLN B 29 4.48 -0.45 9.00
C GLN B 29 4.70 -1.67 9.84
N PHE B 30 4.16 -2.83 9.42
CA PHE B 30 4.36 -4.05 10.20
C PHE B 30 5.19 -5.14 9.54
N HIS B 31 5.73 -6.00 10.39
CA HIS B 31 6.52 -7.18 9.98
C HIS B 31 6.63 -8.06 11.22
N PRO B 32 6.41 -9.36 11.15
CA PRO B 32 6.17 -10.12 9.93
C PRO B 32 4.71 -9.97 9.45
N PRO B 33 4.41 -10.55 8.30
CA PRO B 33 3.15 -10.26 7.62
C PRO B 33 1.90 -10.89 8.23
N HIS B 34 2.03 -11.97 8.99
CA HIS B 34 0.84 -12.58 9.57
C HIS B 34 0.14 -11.59 10.55
N ILE B 35 -1.15 -11.37 10.34
CA ILE B 35 -1.89 -10.38 11.08
C ILE B 35 -3.39 -10.70 11.05
N GLU B 36 -4.08 -10.34 12.12
CA GLU B 36 -5.54 -10.40 12.16
C GLU B 36 -6.06 -9.01 12.35
N ILE B 37 -6.98 -8.60 11.49
CA ILE B 37 -7.52 -7.24 11.51
C ILE B 37 -9.03 -7.40 11.51
N GLN B 38 -9.70 -6.96 12.58
CA GLN B 38 -11.15 -7.06 12.69
C GLN B 38 -11.70 -5.65 12.89
N MET B 39 -12.73 -5.32 12.14
CA MET B 39 -13.46 -4.07 12.33
C MET B 39 -14.66 -4.42 13.19
N LEU B 40 -15.03 -3.50 14.09
CA LEU B 40 -16.02 -3.73 15.13
C LEU B 40 -17.06 -2.61 15.17
N LYS B 41 -18.32 -2.99 15.29
CA LYS B 41 -19.41 -2.08 15.51
C LYS B 41 -20.02 -2.46 16.87
N ASN B 42 -19.95 -1.53 17.82
CA ASN B 42 -20.50 -1.74 19.16
C ASN B 42 -19.98 -3.04 19.79
N GLY B 43 -18.69 -3.27 19.63
CA GLY B 43 -18.00 -4.43 20.19
C GLY B 43 -18.14 -5.73 19.39
N LYS B 44 -18.94 -5.71 18.33
CA LYS B 44 -19.18 -6.94 17.57
C LYS B 44 -18.55 -6.86 16.18
N LYS B 45 -17.88 -7.94 15.81
CA LYS B 45 -17.23 -8.05 14.49
C LYS B 45 -18.19 -7.67 13.35
N ILE B 46 -17.72 -6.86 12.42
CA ILE B 46 -18.47 -6.49 11.24
C ILE B 46 -18.20 -7.53 10.15
N PRO B 47 -19.23 -8.19 9.61
CA PRO B 47 -19.00 -9.34 8.72
C PRO B 47 -18.44 -9.02 7.32
N LYS B 48 -18.83 -8.01 6.59
CA LYS B 48 -18.42 -8.15 5.16
C LYS B 48 -17.13 -7.36 4.75
N VAL B 49 -16.18 -7.22 5.67
CA VAL B 49 -15.04 -6.30 5.52
C VAL B 49 -14.15 -6.66 4.29
N GLU B 50 -13.89 -5.70 3.42
CA GLU B 50 -13.01 -5.91 2.28
C GLU B 50 -11.57 -5.60 2.69
N MET B 51 -10.66 -6.48 2.33
CA MET B 51 -9.24 -6.20 2.50
C MET B 51 -8.69 -5.77 1.16
N SER B 52 -7.92 -4.69 1.16
CA SER B 52 -7.41 -4.10 -0.08
C SER B 52 -6.11 -3.32 0.14
N ASP B 53 -5.55 -2.86 -0.97
CA ASP B 53 -4.38 -1.98 -0.92
C ASP B 53 -3.22 -2.54 -0.15
N MET B 54 -2.98 -3.84 -0.28
CA MET B 54 -1.79 -4.41 0.32
C MET B 54 -0.61 -3.93 -0.46
N SER B 55 0.38 -3.43 0.25
CA SER B 55 1.62 -2.95 -0.35
C SER B 55 2.77 -3.09 0.66
N PHE B 56 3.99 -2.78 0.22
CA PHE B 56 5.12 -2.65 1.10
C PHE B 56 5.82 -1.31 0.88
N SER B 57 6.43 -0.79 1.94
CA SER B 57 7.21 0.44 1.85
C SER B 57 8.63 0.07 1.45
N LYS B 58 9.49 1.08 1.35
CA LYS B 58 10.89 0.90 0.97
C LYS B 58 11.66 0.02 1.97
N ASP B 59 11.33 0.10 3.25
CA ASP B 59 11.96 -0.72 4.28
C ASP B 59 11.30 -2.13 4.42
N TRP B 60 10.43 -2.47 3.45
CA TRP B 60 9.72 -3.76 3.33
C TRP B 60 8.55 -3.99 4.30
N SER B 61 8.24 -3.01 5.14
CA SER B 61 7.14 -3.16 6.06
C SER B 61 5.80 -3.21 5.28
N PHE B 62 4.90 -4.03 5.78
CA PHE B 62 3.59 -4.23 5.18
C PHE B 62 2.54 -3.16 5.54
N TYR B 63 1.70 -2.92 4.55
CA TYR B 63 0.56 -2.03 4.62
C TYR B 63 -0.66 -2.76 4.05
N ILE B 64 -1.82 -2.58 4.67
CA ILE B 64 -3.08 -3.15 4.20
C ILE B 64 -4.26 -2.40 4.74
N LEU B 65 -5.26 -2.26 3.88
CA LEU B 65 -6.51 -1.55 4.20
C LEU B 65 -7.65 -2.54 4.44
N ALA B 66 -8.31 -2.42 5.58
CA ALA B 66 -9.60 -3.02 5.77
C ALA B 66 -10.66 -1.94 5.63
N HIS B 67 -11.72 -2.21 4.87
CA HIS B 67 -12.81 -1.24 4.73
C HIS B 67 -14.16 -1.81 4.50
N THR B 68 -15.14 -1.02 4.89
CA THR B 68 -16.51 -1.44 4.75
C THR B 68 -17.46 -0.27 4.60
N GLU B 69 -18.51 -0.50 3.83
CA GLU B 69 -19.62 0.43 3.70
C GLU B 69 -20.27 0.51 5.05
N PHE B 70 -20.81 1.66 5.38
CA PHE B 70 -21.49 1.85 6.66
C PHE B 70 -22.28 3.14 6.69
N THR B 71 -23.32 3.16 7.51
CA THR B 71 -24.14 4.33 7.70
C THR B 71 -24.07 4.68 9.19
N PRO B 72 -23.28 5.68 9.56
CA PRO B 72 -23.21 6.09 10.96
C PRO B 72 -24.55 6.55 11.51
N THR B 73 -24.64 6.34 12.80
CA THR B 73 -25.78 6.65 13.62
C THR B 73 -25.18 7.32 14.85
N GLU B 74 -25.97 8.06 15.61
CA GLU B 74 -25.41 8.79 16.75
C GLU B 74 -24.83 7.87 17.82
N THR B 75 -25.49 6.75 18.09
CA THR B 75 -25.08 5.88 19.22
C THR B 75 -24.01 4.84 18.87
N ASP B 76 -23.87 4.51 17.58
CA ASP B 76 -22.93 3.49 17.16
C ASP B 76 -21.46 3.90 17.39
N THR B 77 -20.72 2.96 17.95
CA THR B 77 -19.29 3.08 18.16
C THR B 77 -18.58 2.12 17.22
N TYR B 78 -17.51 2.56 16.57
CA TYR B 78 -16.73 1.71 15.68
C TYR B 78 -15.27 1.67 16.11
N ALA B 79 -14.67 0.52 15.86
CA ALA B 79 -13.27 0.32 16.20
C ALA B 79 -12.60 -0.71 15.27
N CYS B 80 -11.28 -0.79 15.36
CA CYS B 80 -10.50 -1.75 14.63
C CYS B 80 -9.55 -2.43 15.59
N ARG B 81 -9.59 -3.76 15.59
CA ARG B 81 -8.81 -4.53 16.54
C ARG B 81 -7.83 -5.40 15.80
N VAL B 82 -6.56 -5.30 16.19
CA VAL B 82 -5.47 -5.93 15.45
C VAL B 82 -4.65 -6.84 16.35
N LYS B 83 -4.41 -8.05 15.88
CA LYS B 83 -3.61 -9.05 16.56
C LYS B 83 -2.37 -9.29 15.69
N HIS B 84 -1.19 -9.15 16.28
CA HIS B 84 0.07 -9.31 15.58
C HIS B 84 1.13 -9.77 16.59
N ASP B 85 2.15 -10.50 16.10
CA ASP B 85 3.20 -11.10 16.97
C ASP B 85 4.00 -10.05 17.76
N SER B 86 4.01 -8.80 17.30
CA SER B 86 4.75 -7.74 17.98
C SER B 86 4.08 -7.27 19.28
N MET B 87 2.86 -7.74 19.54
CA MET B 87 2.12 -7.29 20.73
C MET B 87 1.52 -8.48 21.48
N ALA B 88 1.65 -8.47 22.80
CA ALA B 88 1.20 -9.61 23.61
C ALA B 88 -0.34 -9.74 23.60
N GLU B 89 -1.00 -8.61 23.46
CA GLU B 89 -2.47 -8.48 23.56
C GLU B 89 -2.95 -7.77 22.27
N PRO B 90 -4.13 -8.08 21.76
CA PRO B 90 -4.65 -7.34 20.60
C PRO B 90 -4.75 -5.83 20.87
N LYS B 91 -4.54 -5.04 19.83
CA LYS B 91 -4.62 -3.60 19.99
C LYS B 91 -5.84 -3.01 19.25
N THR B 92 -6.62 -2.18 19.94
CA THR B 92 -7.83 -1.61 19.38
C THR B 92 -7.69 -0.13 19.21
N VAL B 93 -7.99 0.36 18.02
CA VAL B 93 -8.12 1.78 17.75
C VAL B 93 -9.58 2.10 17.47
N TYR B 94 -10.09 3.14 18.13
CA TYR B 94 -11.48 3.57 17.98
C TYR B 94 -11.58 4.69 16.95
N TRP B 95 -12.67 4.66 16.21
CA TRP B 95 -13.03 5.74 15.33
C TRP B 95 -13.41 6.94 16.15
N ASP B 96 -12.73 8.05 15.86
CA ASP B 96 -12.95 9.36 16.50
C ASP B 96 -13.53 10.31 15.46
N ARG B 97 -14.85 10.43 15.45
CA ARG B 97 -15.56 11.26 14.48
C ARG B 97 -15.08 12.71 14.43
N ASP B 98 -14.58 13.22 15.56
CA ASP B 98 -14.20 14.63 15.70
C ASP B 98 -12.70 14.87 15.49
N MET B 99 -11.94 13.81 15.20
CA MET B 99 -10.52 14.00 14.96
C MET B 99 -10.24 15.00 13.83
N ALA C 2 0.81 -9.47 -17.90
CA ALA C 2 1.45 -8.32 -17.14
C ALA C 2 2.47 -8.57 -16.03
N LEU C 3 2.31 -9.57 -15.18
CA LEU C 3 3.37 -9.96 -14.26
C LEU C 3 4.47 -10.82 -14.91
N TYR C 4 5.65 -10.83 -14.32
CA TYR C 4 6.79 -11.67 -14.70
C TYR C 4 6.55 -13.14 -14.28
N ASN C 5 7.13 -14.08 -15.04
CA ASN C 5 7.35 -15.44 -14.56
C ASN C 5 8.69 -15.49 -13.78
N PHE C 6 8.63 -15.55 -12.47
CA PHE C 6 9.86 -15.46 -11.65
C PHE C 6 10.71 -16.70 -11.77
N ALA C 7 12.02 -16.48 -11.68
CA ALA C 7 13.04 -17.52 -11.58
C ALA C 7 13.21 -18.01 -10.14
N THR C 8 13.71 -19.23 -9.97
CA THR C 8 14.05 -19.69 -8.62
C THR C 8 15.42 -19.13 -8.14
N MET C 9 15.58 -19.03 -6.83
CA MET C 9 16.68 -18.30 -6.20
C MET C 9 17.92 -19.17 -5.89
#